data_1PXQ
#
_entry.id   1PXQ
#
_cell.length_a   1.000
_cell.length_b   1.000
_cell.length_c   1.000
_cell.angle_alpha   90.00
_cell.angle_beta   90.00
_cell.angle_gamma   90.00
#
_symmetry.space_group_name_H-M   'P 1'
#
_entity_poly.entity_id   1
_entity_poly.type   'polypeptide(L)'
_entity_poly.pdbx_seq_one_letter_code
;NKGCATCSIGAACLVDGPIPDFEIAGA(2TL)GL(DPN)GLWG
;
_entity_poly.pdbx_strand_id   A
#
# COMPACT_ATOMS: atom_id res chain seq x y z
N ASN A 1 8.93 -1.72 9.37
CA ASN A 1 10.38 -1.69 9.18
C ASN A 1 10.78 -0.51 8.31
N LYS A 2 12.02 -0.04 8.51
CA LYS A 2 12.54 1.08 7.74
C LYS A 2 12.86 0.67 6.30
N GLY A 3 12.80 -0.64 6.03
CA GLY A 3 13.08 -1.13 4.69
C GLY A 3 12.02 -0.76 3.69
N CYS A 4 10.76 -0.99 4.05
CA CYS A 4 9.64 -0.68 3.17
C CYS A 4 9.34 0.82 3.14
N ALA A 5 10.37 1.62 2.93
CA ALA A 5 10.22 3.08 2.88
C ALA A 5 9.84 3.54 1.46
N THR A 6 10.16 2.72 0.48
CA THR A 6 9.85 3.03 -0.92
C THR A 6 8.35 3.09 -1.18
N CYS A 7 7.56 2.65 -0.20
CA CYS A 7 6.11 2.64 -0.34
C CYS A 7 5.43 2.70 1.03
N SER A 8 5.93 3.61 1.88
CA SER A 8 5.37 3.80 3.22
C SER A 8 3.89 4.13 3.15
N ILE A 9 3.46 4.62 1.98
CA ILE A 9 2.07 5.00 1.77
C ILE A 9 1.10 3.95 2.32
N GLY A 10 1.04 2.80 1.65
CA GLY A 10 0.17 1.73 2.10
C GLY A 10 -0.69 1.16 0.99
N ALA A 11 -1.10 -0.09 1.14
CA ALA A 11 -1.93 -0.76 0.15
C ALA A 11 -3.39 -0.38 0.32
N ALA A 12 -3.94 0.30 -0.69
CA ALA A 12 -5.33 0.72 -0.65
C ALA A 12 -5.82 1.11 -2.04
N CYS A 13 -6.35 0.14 -2.77
CA CYS A 13 -6.86 0.39 -4.12
C CYS A 13 -8.08 1.30 -4.10
N LEU A 14 -8.93 1.12 -3.08
CA LEU A 14 -10.16 1.88 -2.97
C LEU A 14 -11.21 1.35 -3.96
N VAL A 15 -10.82 0.30 -4.69
CA VAL A 15 -11.71 -0.34 -5.66
C VAL A 15 -12.89 -1.02 -4.97
N ASP A 16 -12.90 -0.98 -3.65
CA ASP A 16 -13.97 -1.60 -2.88
C ASP A 16 -15.02 -0.57 -2.49
N GLY A 17 -15.05 0.53 -3.24
CA GLY A 17 -16.02 1.59 -3.00
C GLY A 17 -16.22 2.44 -4.24
N PRO A 18 -15.46 3.55 -4.39
CA PRO A 18 -15.58 4.43 -5.55
C PRO A 18 -15.40 3.66 -6.87
N ILE A 19 -14.62 2.58 -6.81
CA ILE A 19 -14.36 1.72 -7.97
C ILE A 19 -13.18 2.21 -8.81
N PRO A 20 -12.15 2.85 -8.20
CA PRO A 20 -10.99 3.34 -8.94
C PRO A 20 -10.11 2.21 -9.48
N ASP A 21 -10.26 1.03 -8.91
CA ASP A 21 -9.51 -0.16 -9.34
C ASP A 21 -8.07 -0.15 -8.83
N PHE A 22 -7.73 -1.18 -8.03
CA PHE A 22 -6.40 -1.36 -7.44
C PHE A 22 -5.52 -0.11 -7.52
N GLU A 23 -6.00 1.00 -6.95
CA GLU A 23 -5.24 2.23 -6.95
C GLU A 23 -4.33 2.32 -5.74
N ILE A 24 -3.31 1.48 -5.70
CA ILE A 24 -2.36 1.45 -4.59
C ILE A 24 -1.22 2.43 -4.83
N ALA A 25 -0.60 2.33 -6.01
CA ALA A 25 0.51 3.20 -6.37
C ALA A 25 1.68 3.05 -5.40
N GLY A 26 1.80 1.86 -4.81
CA GLY A 26 2.87 1.61 -3.87
C GLY A 26 2.49 0.62 -2.79
N ALA A 27 2.52 -0.66 -3.13
CA ALA A 27 2.18 -1.72 -2.18
C ALA A 27 3.28 -1.91 -1.13
N 2TL A 28 4.40 -1.22 -1.32
CA 2TL A 28 5.52 -1.32 -0.39
CB 2TL A 28 6.34 -2.60 -0.64
OG1 2TL A 28 5.50 -3.74 -0.52
CG2 2TL A 28 7.51 -2.79 0.29
C 2TL A 28 5.07 -1.25 1.07
O 2TL A 28 5.71 -1.80 1.96
H 2TL A 28 4.47 -0.63 -2.09
HB 2TL A 28 6.71 -2.57 -1.66
HG1 2TL A 28 4.93 -3.81 -1.29
HG21 2TL A 28 8.40 -3.00 -0.29
HG22 2TL A 28 7.31 -3.61 0.96
HG23 2TL A 28 7.66 -1.88 0.86
N GLY A 29 3.95 -0.56 1.30
CA GLY A 29 3.42 -0.41 2.65
C GLY A 29 3.46 -1.70 3.46
N LEU A 30 3.36 -2.83 2.78
CA LEU A 30 3.38 -4.12 3.45
C LEU A 30 4.70 -4.32 4.19
N DPN A 31 5.78 -3.78 3.63
CA DPN A 31 7.10 -3.90 4.26
C DPN A 31 7.11 -3.23 5.63
O DPN A 31 7.91 -3.58 6.49
CB DPN A 31 7.48 -5.38 4.39
CG DPN A 31 7.48 -6.13 3.09
CD1 DPN A 31 8.67 -6.34 2.40
CD2 DPN A 31 6.30 -6.61 2.55
CE1 DPN A 31 8.67 -7.03 1.20
CE2 DPN A 31 6.30 -7.29 1.35
CZ DPN A 31 7.49 -7.51 0.67
H DPN A 31 5.69 -3.28 2.79
HB2 DPN A 31 8.47 -5.45 4.82
HB3 DPN A 31 6.77 -5.86 5.05
HD1 DPN A 31 9.59 -5.97 2.81
HD2 DPN A 31 5.37 -6.44 3.07
HE1 DPN A 31 9.60 -7.19 0.68
HE2 DPN A 31 5.37 -7.66 0.94
HZ DPN A 31 7.49 -8.05 -0.26
N GLY A 32 6.20 -2.28 5.84
CA GLY A 32 6.12 -1.60 7.12
C GLY A 32 5.13 -2.25 8.06
N LEU A 33 4.13 -2.91 7.50
CA LEU A 33 3.11 -3.58 8.29
C LEU A 33 3.71 -4.72 9.12
N TRP A 34 4.90 -5.16 8.74
CA TRP A 34 5.58 -6.24 9.44
C TRP A 34 6.76 -5.71 10.25
N GLY A 35 7.35 -4.62 9.78
CA GLY A 35 8.48 -4.02 10.48
C GLY A 35 8.51 -2.51 10.35
N ASN A 1 10.83 -4.06 9.89
CA ASN A 1 10.81 -3.72 8.47
C ASN A 1 12.20 -3.31 8.00
N LYS A 2 12.64 -3.92 6.89
CA LYS A 2 13.95 -3.62 6.33
C LYS A 2 13.90 -2.35 5.47
N GLY A 3 13.46 -2.50 4.23
CA GLY A 3 13.38 -1.36 3.33
C GLY A 3 11.96 -1.10 2.86
N CYS A 4 10.98 -1.35 3.73
CA CYS A 4 9.59 -1.14 3.41
C CYS A 4 9.23 0.36 3.41
N ALA A 5 10.17 1.19 3.81
CA ALA A 5 9.94 2.64 3.86
C ALA A 5 10.02 3.28 2.47
N THR A 6 10.32 2.48 1.46
CA THR A 6 10.43 3.00 0.10
C THR A 6 9.04 3.22 -0.52
N CYS A 7 8.01 2.84 0.21
CA CYS A 7 6.63 2.99 -0.25
C CYS A 7 5.68 3.08 0.92
N SER A 8 5.80 4.15 1.70
CA SER A 8 4.95 4.35 2.87
C SER A 8 3.48 4.18 2.50
N ILE A 9 3.17 4.45 1.23
CA ILE A 9 1.81 4.30 0.74
C ILE A 9 1.33 2.86 0.92
N GLY A 10 0.51 2.64 1.95
CA GLY A 10 0.01 1.30 2.22
C GLY A 10 -0.96 0.82 1.16
N ALA A 11 -1.21 -0.49 1.13
CA ALA A 11 -2.14 -1.08 0.17
C ALA A 11 -3.55 -0.55 0.38
N ALA A 12 -4.02 0.24 -0.57
CA ALA A 12 -5.36 0.81 -0.50
C ALA A 12 -5.87 1.21 -1.88
N CYS A 13 -6.50 0.27 -2.56
CA CYS A 13 -7.02 0.53 -3.90
C CYS A 13 -8.16 1.54 -3.86
N LEU A 14 -8.81 1.66 -2.71
CA LEU A 14 -9.94 2.56 -2.56
C LEU A 14 -11.13 2.09 -3.40
N VAL A 15 -10.97 0.94 -4.08
CA VAL A 15 -12.02 0.38 -4.90
C VAL A 15 -13.20 -0.07 -4.03
N ASP A 16 -13.01 0.00 -2.72
CA ASP A 16 -14.06 -0.39 -1.78
C ASP A 16 -14.79 0.85 -1.27
N GLY A 17 -14.84 1.87 -2.11
CA GLY A 17 -15.51 3.11 -1.77
C GLY A 17 -15.71 3.99 -2.99
N PRO A 18 -14.78 4.93 -3.26
CA PRO A 18 -14.86 5.83 -4.42
C PRO A 18 -15.04 5.06 -5.73
N ILE A 19 -14.45 3.86 -5.77
CA ILE A 19 -14.53 2.97 -6.94
C ILE A 19 -13.44 3.27 -7.99
N PRO A 20 -12.22 3.66 -7.57
CA PRO A 20 -11.13 3.94 -8.50
C PRO A 20 -10.54 2.67 -9.11
N ASP A 21 -10.74 1.56 -8.42
CA ASP A 21 -10.27 0.25 -8.87
C ASP A 21 -8.76 0.07 -8.60
N PHE A 22 -8.44 -0.82 -7.65
CA PHE A 22 -7.06 -1.12 -7.28
C PHE A 22 -6.13 0.07 -7.44
N GLU A 23 -6.46 1.19 -6.80
CA GLU A 23 -5.63 2.38 -6.90
C GLU A 23 -4.53 2.39 -5.83
N ILE A 24 -3.80 1.28 -5.75
CA ILE A 24 -2.71 1.15 -4.78
C ILE A 24 -1.67 2.25 -4.97
N ALA A 25 -0.97 2.19 -6.09
CA ALA A 25 0.07 3.18 -6.40
C ALA A 25 1.19 3.13 -5.37
N GLY A 26 1.62 1.92 -5.02
CA GLY A 26 2.68 1.77 -4.05
C GLY A 26 2.58 0.47 -3.27
N ALA A 27 3.22 -0.57 -3.77
CA ALA A 27 3.19 -1.87 -3.11
C ALA A 27 3.98 -1.85 -1.81
N 2TL A 28 5.01 -1.01 -1.75
CA 2TL A 28 5.85 -0.88 -0.57
CB 2TL A 28 6.68 -2.16 -0.35
OG1 2TL A 28 5.86 -3.31 -0.38
CG2 2TL A 28 7.44 -2.19 0.95
C 2TL A 28 5.00 -0.58 0.67
O 2TL A 28 3.77 -0.72 0.64
H 2TL A 28 5.22 -0.45 -2.54
HB 2TL A 28 7.40 -2.24 -1.16
HG1 2TL A 28 6.08 -3.85 -1.14
HG21 2TL A 28 8.07 -1.31 1.02
HG22 2TL A 28 8.07 -3.08 0.98
HG23 2TL A 28 6.75 -2.20 1.78
N GLY A 29 5.63 -0.15 1.75
CA GLY A 29 4.90 0.17 2.96
C GLY A 29 4.52 -1.07 3.75
N LEU A 30 3.88 -2.03 3.09
CA LEU A 30 3.47 -3.27 3.74
C LEU A 30 4.60 -3.86 4.57
N DPN A 31 5.84 -3.59 4.17
CA DPN A 31 7.00 -4.09 4.88
C DPN A 31 7.02 -3.61 6.33
O DPN A 31 7.71 -4.19 7.18
CB DPN A 31 7.06 -5.63 4.83
CG DPN A 31 6.38 -6.23 3.63
CD1 DPN A 31 6.84 -5.97 2.34
CD2 DPN A 31 5.28 -7.06 3.78
CE1 DPN A 31 6.21 -6.52 1.24
CE2 DPN A 31 4.65 -7.61 2.68
CZ DPN A 31 5.12 -7.34 1.41
H DPN A 31 5.96 -3.04 3.37
HB2 DPN A 31 8.09 -5.95 4.83
HB3 DPN A 31 6.57 -6.02 5.71
HD1 DPN A 31 7.70 -5.32 2.21
HD2 DPN A 31 4.92 -7.27 4.78
HE1 DPN A 31 6.58 -6.31 0.26
HE2 DPN A 31 3.80 -8.26 2.82
HZ DPN A 31 4.63 -7.78 0.56
N GLY A 32 6.28 -2.55 6.61
CA GLY A 32 6.24 -1.99 7.95
C GLY A 32 5.65 -2.96 8.97
N LEU A 33 4.63 -3.70 8.57
CA LEU A 33 3.97 -4.65 9.47
C LEU A 33 4.75 -5.96 9.57
N TRP A 34 5.88 -6.05 8.85
CA TRP A 34 6.69 -7.26 8.87
C TRP A 34 8.04 -6.99 9.53
N GLY A 35 8.03 -6.12 10.55
CA GLY A 35 9.25 -5.79 11.25
C GLY A 35 10.31 -5.20 10.35
N ASN A 1 11.14 -7.52 7.54
CA ASN A 1 11.61 -7.43 6.17
C ASN A 1 12.17 -6.04 5.87
N LYS A 2 13.46 -5.96 5.58
CA LYS A 2 14.10 -4.70 5.27
C LYS A 2 13.88 -4.31 3.81
N GLY A 3 12.76 -3.64 3.54
CA GLY A 3 12.44 -3.24 2.19
C GLY A 3 10.99 -2.82 2.03
N CYS A 4 10.66 -1.66 2.57
CA CYS A 4 9.29 -1.14 2.49
C CYS A 4 9.28 0.38 2.67
N ALA A 5 10.38 1.02 2.32
CA ALA A 5 10.50 2.47 2.43
C ALA A 5 9.97 3.17 1.20
N THR A 6 10.29 2.64 0.02
CA THR A 6 9.86 3.22 -1.24
C THR A 6 8.39 2.89 -1.57
N CYS A 7 7.52 2.96 -0.57
CA CYS A 7 6.10 2.67 -0.77
C CYS A 7 5.35 2.69 0.56
N SER A 8 5.71 3.64 1.43
CA SER A 8 5.07 3.76 2.74
C SER A 8 3.54 3.79 2.59
N ILE A 9 3.09 4.22 1.42
CA ILE A 9 1.65 4.30 1.13
C ILE A 9 0.97 2.96 1.42
N GLY A 10 0.25 2.90 2.53
CA GLY A 10 -0.44 1.67 2.91
C GLY A 10 -1.25 1.07 1.77
N ALA A 11 -1.81 -0.10 2.01
CA ALA A 11 -2.61 -0.79 1.00
C ALA A 11 -3.97 -0.13 0.84
N ALA A 12 -4.20 0.46 -0.33
CA ALA A 12 -5.48 1.12 -0.61
C ALA A 12 -5.68 1.27 -2.11
N CYS A 13 -6.12 0.20 -2.76
CA CYS A 13 -6.35 0.22 -4.20
C CYS A 13 -7.61 1.00 -4.56
N LEU A 14 -8.54 1.09 -3.61
CA LEU A 14 -9.80 1.78 -3.86
C LEU A 14 -10.63 1.00 -4.87
N VAL A 15 -10.13 -0.15 -5.31
CA VAL A 15 -10.83 -1.00 -6.27
C VAL A 15 -12.10 -1.58 -5.65
N ASP A 16 -12.31 -1.30 -4.37
CA ASP A 16 -13.48 -1.77 -3.66
C ASP A 16 -14.54 -0.67 -3.61
N GLY A 17 -14.49 0.21 -4.59
CA GLY A 17 -15.44 1.31 -4.68
C GLY A 17 -15.56 1.83 -6.11
N PRO A 18 -14.93 2.97 -6.42
CA PRO A 18 -14.97 3.56 -7.77
C PRO A 18 -14.54 2.55 -8.84
N ILE A 19 -13.72 1.58 -8.42
CA ILE A 19 -13.23 0.52 -9.31
C ILE A 19 -11.95 0.93 -10.06
N PRO A 20 -11.03 1.68 -9.42
CA PRO A 20 -9.78 2.11 -10.07
C PRO A 20 -8.83 0.94 -10.31
N ASP A 21 -9.01 -0.13 -9.54
CA ASP A 21 -8.19 -1.34 -9.67
C ASP A 21 -6.80 -1.15 -9.04
N PHE A 22 -6.56 -1.82 -7.91
CA PHE A 22 -5.28 -1.76 -7.20
C PHE A 22 -4.57 -0.42 -7.37
N GLU A 23 -5.23 0.66 -6.97
CA GLU A 23 -4.64 1.99 -7.09
C GLU A 23 -3.92 2.41 -5.80
N ILE A 24 -3.21 1.46 -5.19
CA ILE A 24 -2.47 1.73 -3.95
C ILE A 24 -1.46 2.86 -4.16
N ALA A 25 -0.90 2.92 -5.36
CA ALA A 25 0.09 3.94 -5.69
C ALA A 25 1.29 3.84 -4.76
N GLY A 26 1.52 2.66 -4.21
CA GLY A 26 2.64 2.46 -3.31
C GLY A 26 2.54 1.14 -2.57
N ALA A 27 2.60 0.03 -3.31
CA ALA A 27 2.52 -1.30 -2.72
C ALA A 27 3.82 -1.64 -2.00
N 2TL A 28 4.07 -0.89 -0.93
CA 2TL A 28 5.27 -1.05 -0.09
CB 2TL A 28 5.83 -2.49 -0.17
OG1 2TL A 28 4.78 -3.44 -0.07
CG2 2TL A 28 6.84 -2.82 0.90
C 2TL A 28 4.96 -0.67 1.36
O 2TL A 28 5.87 -0.39 2.14
H 2TL A 28 3.43 -0.19 -0.70
HB 2TL A 28 6.31 -2.62 -1.13
HG1 2TL A 28 4.42 -3.43 0.82
HG21 2TL A 28 7.10 -1.93 1.46
HG22 2TL A 28 7.73 -3.23 0.43
HG23 2TL A 28 6.42 -3.56 1.57
N GLY A 29 3.68 -0.65 1.71
CA GLY A 29 3.29 -0.30 3.07
C GLY A 29 3.27 -1.51 3.99
N LEU A 30 3.20 -2.69 3.40
CA LEU A 30 3.18 -3.93 4.17
C LEU A 30 4.54 -4.23 4.77
N DPN A 31 5.60 -3.79 4.09
CA DPN A 31 6.97 -4.02 4.56
C DPN A 31 7.22 -3.26 5.87
O DPN A 31 8.10 -3.62 6.64
CB DPN A 31 7.22 -5.51 4.77
CG DPN A 31 6.92 -6.34 3.55
CD1 DPN A 31 5.65 -6.88 3.34
CD2 DPN A 31 7.90 -6.59 2.60
CE1 DPN A 31 5.38 -7.64 2.22
CE2 DPN A 31 7.63 -7.35 1.48
CZ DPN A 31 6.37 -7.87 1.29
H DPN A 31 5.46 -3.31 3.25
HB2 DPN A 31 8.25 -5.67 5.03
HB3 DPN A 31 6.59 -5.87 5.57
HD1 DPN A 31 4.89 -6.69 4.08
HD2 DPN A 31 8.89 -6.17 2.75
HE1 DPN A 31 4.39 -8.05 2.08
HE2 DPN A 31 8.41 -7.53 0.75
HZ DPN A 31 6.16 -8.47 0.42
N GLY A 32 6.44 -2.21 6.10
CA GLY A 32 6.61 -1.42 7.32
C GLY A 32 6.14 -2.16 8.56
N LEU A 33 4.87 -2.60 8.55
CA LEU A 33 4.32 -3.32 9.69
C LEU A 33 5.06 -4.64 9.93
N TRP A 34 5.57 -5.22 8.84
CA TRP A 34 6.30 -6.48 8.94
C TRP A 34 7.68 -6.35 8.32
N GLY A 35 8.59 -5.68 9.04
CA GLY A 35 9.94 -5.49 8.55
C GLY A 35 10.75 -6.78 8.57
N ASN A 1 9.77 -7.12 7.33
CA ASN A 1 9.53 -5.69 7.32
C ASN A 1 10.83 -4.91 7.49
N LYS A 2 11.63 -4.87 6.43
CA LYS A 2 12.90 -4.15 6.45
C LYS A 2 12.69 -2.66 6.19
N GLY A 3 11.81 -2.04 6.98
CA GLY A 3 11.53 -0.63 6.81
C GLY A 3 10.34 -0.37 5.91
N CYS A 4 10.34 -0.99 4.73
CA CYS A 4 9.25 -0.83 3.76
C CYS A 4 8.81 0.63 3.67
N ALA A 5 9.74 1.54 3.88
CA ALA A 5 9.45 2.97 3.82
C ALA A 5 9.53 3.52 2.40
N THR A 6 9.95 2.67 1.46
CA THR A 6 10.06 3.09 0.06
C THR A 6 8.69 3.25 -0.59
N CYS A 7 7.64 2.91 0.14
CA CYS A 7 6.28 3.02 -0.37
C CYS A 7 5.30 3.17 0.79
N SER A 8 5.40 4.28 1.50
CA SER A 8 4.53 4.55 2.64
C SER A 8 3.07 4.34 2.25
N ILE A 9 2.79 4.50 0.96
CA ILE A 9 1.44 4.31 0.43
C ILE A 9 0.91 2.92 0.81
N GLY A 10 1.54 1.90 0.25
CA GLY A 10 1.14 0.53 0.54
C GLY A 10 -0.35 0.29 0.38
N ALA A 11 -0.91 -0.51 1.29
CA ALA A 11 -2.33 -0.84 1.26
C ALA A 11 -3.19 0.42 1.16
N ALA A 12 -3.76 0.64 -0.02
CA ALA A 12 -4.61 1.81 -0.27
C ALA A 12 -5.38 1.67 -1.57
N CYS A 13 -5.67 0.44 -1.97
CA CYS A 13 -6.42 0.19 -3.20
C CYS A 13 -7.91 0.41 -2.98
N LEU A 14 -8.36 0.16 -1.75
CA LEU A 14 -9.76 0.31 -1.39
C LEU A 14 -10.63 -0.77 -2.04
N VAL A 15 -10.00 -1.70 -2.77
CA VAL A 15 -10.74 -2.79 -3.39
C VAL A 15 -11.34 -3.71 -2.33
N ASP A 16 -10.98 -3.46 -1.08
CA ASP A 16 -11.46 -4.25 0.03
C ASP A 16 -12.61 -3.53 0.72
N GLY A 17 -13.38 -2.77 -0.06
CA GLY A 17 -14.52 -2.04 0.47
C GLY A 17 -15.37 -1.43 -0.64
N PRO A 18 -15.13 -0.16 -1.00
CA PRO A 18 -15.89 0.52 -2.05
C PRO A 18 -15.64 -0.07 -3.43
N ILE A 19 -14.38 -0.45 -3.68
CA ILE A 19 -13.96 -1.05 -4.94
C ILE A 19 -13.59 0.00 -6.00
N PRO A 20 -12.60 0.86 -5.72
CA PRO A 20 -12.14 1.89 -6.66
C PRO A 20 -10.94 1.42 -7.48
N ASP A 21 -10.86 0.10 -7.69
CA ASP A 21 -9.75 -0.48 -8.43
C ASP A 21 -8.44 -0.23 -7.71
N PHE A 22 -7.78 -1.31 -7.27
CA PHE A 22 -6.51 -1.23 -6.54
C PHE A 22 -5.75 0.07 -6.83
N GLU A 23 -6.17 1.13 -6.17
CA GLU A 23 -5.55 2.43 -6.35
C GLU A 23 -4.40 2.63 -5.37
N ILE A 24 -3.45 1.70 -5.42
CA ILE A 24 -2.28 1.74 -4.54
C ILE A 24 -1.14 2.54 -5.17
N ALA A 25 -0.52 1.97 -6.21
CA ALA A 25 0.59 2.62 -6.88
C ALA A 25 1.81 2.68 -5.96
N GLY A 26 2.04 1.58 -5.23
CA GLY A 26 3.16 1.51 -4.31
C GLY A 26 2.86 0.64 -3.10
N ALA A 27 2.91 -0.68 -3.31
CA ALA A 27 2.63 -1.63 -2.22
C ALA A 27 3.78 -1.70 -1.21
N 2TL A 28 4.86 -0.95 -1.47
CA 2TL A 28 6.02 -0.94 -0.58
CB 2TL A 28 6.93 -2.14 -0.84
OG1 2TL A 28 6.21 -3.35 -0.66
CG2 2TL A 28 8.15 -2.21 0.05
C 2TL A 28 5.61 -0.86 0.89
O 2TL A 28 6.27 -1.41 1.76
H 2TL A 28 4.87 -0.42 -2.29
HB 2TL A 28 7.26 -2.11 -1.87
HG1 2TL A 28 5.75 -3.32 0.20
HG21 2TL A 28 8.09 -3.08 0.69
HG22 2TL A 28 8.20 -1.31 0.66
HG23 2TL A 28 9.04 -2.27 -0.57
N GLY A 29 4.51 -0.17 1.15
CA GLY A 29 4.03 -0.02 2.52
C GLY A 29 3.75 -1.35 3.18
N LEU A 30 3.37 -2.34 2.39
CA LEU A 30 3.08 -3.67 2.91
C LEU A 30 4.28 -4.24 3.66
N DPN A 31 5.47 -3.74 3.36
CA DPN A 31 6.69 -4.19 4.00
C DPN A 31 6.57 -4.12 5.52
O DPN A 31 6.94 -5.06 6.23
CB DPN A 31 7.00 -5.64 3.58
CG DPN A 31 6.73 -5.91 2.13
CD1 DPN A 31 5.47 -6.32 1.71
CD2 DPN A 31 7.73 -5.77 1.18
CE1 DPN A 31 5.22 -6.58 0.37
CE2 DPN A 31 7.49 -6.03 -0.16
CZ DPN A 31 6.23 -6.43 -0.57
H DPN A 31 5.52 -3.02 2.68
HB2 DPN A 31 8.04 -5.86 3.76
HB3 DPN A 31 6.39 -6.31 4.16
HD1 DPN A 31 4.69 -6.43 2.43
HD2 DPN A 31 8.72 -5.46 1.49
HE1 DPN A 31 4.24 -6.90 0.06
HE2 DPN A 31 8.28 -5.91 -0.89
HZ DPN A 31 6.04 -6.62 -1.61
N GLY A 32 6.06 -3.00 6.02
CA GLY A 32 5.91 -2.82 7.45
C GLY A 32 4.94 -3.81 8.06
N LEU A 33 3.85 -4.08 7.36
CA LEU A 33 2.83 -5.00 7.86
C LEU A 33 3.04 -6.42 7.34
N TRP A 34 4.12 -6.66 6.60
CA TRP A 34 4.40 -7.99 6.07
C TRP A 34 5.84 -8.41 6.34
N GLY A 35 6.37 -8.00 7.49
CA GLY A 35 7.73 -8.34 7.85
C GLY A 35 8.75 -7.84 6.85
N ASN A 1 11.55 -7.37 7.32
CA ASN A 1 11.20 -6.40 6.28
C ASN A 1 12.42 -5.55 5.90
N LYS A 2 12.60 -5.32 4.61
CA LYS A 2 13.71 -4.52 4.11
C LYS A 2 13.40 -3.02 4.19
N GLY A 3 12.77 -2.61 5.29
CA GLY A 3 12.43 -1.20 5.44
C GLY A 3 11.06 -0.86 4.90
N CYS A 4 10.77 -1.34 3.69
CA CYS A 4 9.49 -1.09 3.05
C CYS A 4 9.09 0.39 3.15
N ALA A 5 10.10 1.26 3.28
CA ALA A 5 9.86 2.69 3.40
C ALA A 5 9.74 3.36 2.03
N THR A 6 9.99 2.60 0.97
CA THR A 6 9.91 3.12 -0.39
C THR A 6 8.45 3.25 -0.87
N CYS A 7 7.51 2.87 0.00
CA CYS A 7 6.10 2.95 -0.36
C CYS A 7 5.24 3.07 0.90
N SER A 8 5.60 4.00 1.78
CA SER A 8 4.86 4.23 3.01
C SER A 8 3.37 4.40 2.75
N ILE A 9 3.03 4.78 1.52
CA ILE A 9 1.63 4.99 1.12
C ILE A 9 0.74 3.86 1.63
N GLY A 10 1.31 2.66 1.75
CA GLY A 10 0.55 1.52 2.22
C GLY A 10 -0.46 1.03 1.20
N ALA A 11 -1.13 -0.07 1.53
CA ALA A 11 -2.14 -0.65 0.64
C ALA A 11 -3.47 0.09 0.75
N ALA A 12 -3.98 0.58 -0.38
CA ALA A 12 -5.23 1.30 -0.40
C ALA A 12 -5.83 1.32 -1.81
N CYS A 13 -6.04 0.14 -2.37
CA CYS A 13 -6.61 0.02 -3.70
C CYS A 13 -8.08 0.41 -3.71
N LEU A 14 -8.74 0.17 -2.58
CA LEU A 14 -10.16 0.48 -2.44
C LEU A 14 -11.04 -0.45 -3.26
N VAL A 15 -10.42 -1.43 -3.94
CA VAL A 15 -11.18 -2.39 -4.74
C VAL A 15 -12.04 -3.26 -3.83
N ASP A 16 -11.86 -3.09 -2.53
CA ASP A 16 -12.59 -3.86 -1.53
C ASP A 16 -13.78 -3.05 -1.02
N GLY A 17 -14.32 -2.19 -1.90
CA GLY A 17 -15.45 -1.36 -1.54
C GLY A 17 -16.16 -0.81 -2.77
N PRO A 18 -15.84 0.43 -3.19
CA PRO A 18 -16.46 1.05 -4.37
C PRO A 18 -15.95 0.44 -5.68
N ILE A 19 -14.71 -0.06 -5.65
CA ILE A 19 -14.08 -0.69 -6.80
C ILE A 19 -13.38 0.33 -7.72
N PRO A 20 -12.42 1.11 -7.19
CA PRO A 20 -11.69 2.10 -7.97
C PRO A 20 -10.38 1.55 -8.54
N ASP A 21 -10.41 0.29 -8.98
CA ASP A 21 -9.25 -0.39 -9.54
C ASP A 21 -8.02 -0.20 -8.65
N PHE A 22 -7.59 -1.30 -7.99
CA PHE A 22 -6.44 -1.30 -7.08
C PHE A 22 -5.57 -0.06 -7.24
N GLU A 23 -5.97 1.01 -6.57
CA GLU A 23 -5.24 2.27 -6.64
C GLU A 23 -4.12 2.32 -5.60
N ILE A 24 -3.25 1.32 -5.64
CA ILE A 24 -2.14 1.22 -4.71
C ILE A 24 -1.03 2.21 -5.08
N ALA A 25 -0.46 2.03 -6.26
CA ALA A 25 0.62 2.89 -6.73
C ALA A 25 1.83 2.84 -5.82
N GLY A 26 1.97 1.73 -5.10
CA GLY A 26 3.09 1.56 -4.19
C GLY A 26 2.71 0.85 -2.91
N ALA A 27 2.51 -0.46 -3.00
CA ALA A 27 2.15 -1.27 -1.84
C ALA A 27 3.35 -1.46 -0.90
N 2TL A 28 4.50 -0.89 -1.26
CA 2TL A 28 5.72 -1.00 -0.45
CB 2TL A 28 6.52 -2.25 -0.85
OG1 2TL A 28 5.76 -3.42 -0.59
CG2 2TL A 28 7.84 -2.40 -0.14
C 2TL A 28 5.43 -0.99 1.04
O 2TL A 28 6.03 -1.73 1.81
H 2TL A 28 4.53 -0.38 -2.09
HB 2TL A 28 6.72 -2.21 -1.92
HG1 2TL A 28 5.51 -3.44 0.33
HG21 2TL A 28 7.88 -1.73 0.71
HG22 2TL A 28 8.65 -2.16 -0.81
HG23 2TL A 28 7.96 -3.42 0.21
N GLY A 29 4.50 -0.12 1.45
CA GLY A 29 4.15 -0.01 2.85
C GLY A 29 3.92 -1.35 3.53
N LEU A 30 3.42 -2.31 2.77
CA LEU A 30 3.15 -3.64 3.31
C LEU A 30 4.43 -4.31 3.81
N DPN A 31 5.57 -3.80 3.35
CA DPN A 31 6.87 -4.34 3.75
C DPN A 31 7.06 -4.27 5.27
O DPN A 31 7.49 -5.24 5.90
CB DPN A 31 7.01 -5.81 3.28
CG DPN A 31 6.31 -6.09 1.98
CD1 DPN A 31 6.94 -5.84 0.77
CD2 DPN A 31 5.02 -6.61 1.96
CE1 DPN A 31 6.31 -6.10 -0.43
CE2 DPN A 31 4.39 -6.88 0.77
CZ DPN A 31 5.03 -6.63 -0.43
H DPN A 31 5.55 -3.04 2.74
HB2 DPN A 31 8.05 -6.05 3.16
HB3 DPN A 31 6.58 -6.45 4.03
HD1 DPN A 31 7.95 -5.43 0.77
HD2 DPN A 31 4.52 -6.81 2.90
HE1 DPN A 31 6.81 -5.90 -1.36
HE2 DPN A 31 3.39 -7.29 0.77
HZ DPN A 31 4.53 -6.84 -1.36
N GLY A 32 6.73 -3.12 5.84
CA GLY A 32 6.88 -2.94 7.27
C GLY A 32 5.86 -3.74 8.08
N LEU A 33 4.86 -4.29 7.40
CA LEU A 33 3.83 -5.07 8.07
C LEU A 33 4.15 -6.57 8.07
N TRP A 34 5.40 -6.91 7.74
CA TRP A 34 5.82 -8.31 7.71
C TRP A 34 7.13 -8.50 8.47
N GLY A 35 8.24 -8.11 7.84
CA GLY A 35 9.53 -8.25 8.47
C GLY A 35 10.66 -8.34 7.46
N ASN A 1 13.12 -4.33 5.89
CA ASN A 1 12.16 -3.51 5.16
C ASN A 1 12.85 -2.37 4.43
N LYS A 2 14.03 -2.65 3.88
CA LYS A 2 14.79 -1.65 3.15
C LYS A 2 14.03 -1.16 1.91
N GLY A 3 13.03 -1.92 1.49
CA GLY A 3 12.24 -1.55 0.33
C GLY A 3 10.89 -0.98 0.70
N CYS A 4 10.36 -1.39 1.85
CA CYS A 4 9.06 -0.91 2.29
C CYS A 4 9.13 0.53 2.82
N ALA A 5 10.32 1.12 2.82
CA ALA A 5 10.50 2.48 3.29
C ALA A 5 9.93 3.49 2.29
N THR A 6 10.34 3.36 1.04
CA THR A 6 9.87 4.26 -0.02
C THR A 6 8.46 3.89 -0.49
N CYS A 7 7.55 3.72 0.46
CA CYS A 7 6.17 3.37 0.14
C CYS A 7 5.33 3.27 1.40
N SER A 8 5.50 4.25 2.30
CA SER A 8 4.76 4.27 3.55
C SER A 8 3.26 4.11 3.32
N ILE A 9 2.81 4.50 2.13
CA ILE A 9 1.41 4.38 1.77
C ILE A 9 0.94 2.92 1.87
N GLY A 10 1.34 2.11 0.90
CA GLY A 10 0.96 0.71 0.90
C GLY A 10 -0.45 0.49 0.39
N ALA A 11 -1.15 -0.47 1.01
CA ALA A 11 -2.51 -0.79 0.60
C ALA A 11 -3.41 0.43 0.62
N ALA A 12 -3.76 0.91 -0.58
CA ALA A 12 -4.61 2.08 -0.72
C ALA A 12 -5.18 2.17 -2.13
N CYS A 13 -6.21 1.38 -2.41
CA CYS A 13 -6.82 1.35 -3.72
C CYS A 13 -7.53 2.66 -4.06
N LEU A 14 -8.04 3.33 -3.04
CA LEU A 14 -8.77 4.57 -3.26
C LEU A 14 -10.11 4.26 -3.93
N VAL A 15 -10.40 2.97 -4.10
CA VAL A 15 -11.66 2.52 -4.72
C VAL A 15 -12.84 2.87 -3.84
N ASP A 16 -12.56 3.47 -2.67
CA ASP A 16 -13.59 3.85 -1.73
C ASP A 16 -13.93 5.33 -1.89
N GLY A 17 -13.63 5.88 -3.06
CA GLY A 17 -13.89 7.27 -3.36
C GLY A 17 -14.21 7.47 -4.83
N PRO A 18 -13.26 8.02 -5.62
CA PRO A 18 -13.48 8.23 -7.05
C PRO A 18 -13.86 6.94 -7.76
N ILE A 19 -13.51 5.81 -7.15
CA ILE A 19 -13.81 4.47 -7.67
C ILE A 19 -12.76 3.96 -8.65
N PRO A 20 -11.45 4.14 -8.35
CA PRO A 20 -10.38 3.66 -9.22
C PRO A 20 -10.51 2.15 -9.46
N ASP A 21 -9.87 1.35 -8.61
CA ASP A 21 -9.91 -0.12 -8.70
C ASP A 21 -8.67 -0.74 -8.06
N PHE A 22 -8.70 -0.91 -6.74
CA PHE A 22 -7.57 -1.49 -6.01
C PHE A 22 -6.26 -0.86 -6.45
N GLU A 23 -6.26 0.47 -6.56
CA GLU A 23 -5.08 1.20 -7.01
C GLU A 23 -3.93 1.06 -6.00
N ILE A 24 -2.84 0.42 -6.43
CA ILE A 24 -1.68 0.24 -5.57
C ILE A 24 -0.71 1.42 -5.71
N ALA A 25 0.05 1.41 -6.80
CA ALA A 25 1.02 2.48 -7.08
C ALA A 25 1.79 2.87 -5.82
N GLY A 26 1.99 1.90 -4.93
CA GLY A 26 2.72 2.18 -3.71
C GLY A 26 2.39 1.19 -2.60
N ALA A 27 2.38 -0.09 -2.93
CA ALA A 27 2.09 -1.13 -1.94
C ALA A 27 3.24 -1.34 -0.96
N 2TL A 28 4.28 -0.52 -1.06
CA 2TL A 28 5.45 -0.63 -0.20
CB 2TL A 28 6.37 -1.74 -0.70
OG1 2TL A 28 7.21 -2.23 0.34
CG2 2TL A 28 7.26 -1.32 -1.85
C 2TL A 28 5.05 -0.82 1.27
O 2TL A 28 5.68 -1.58 2.02
H 2TL A 28 4.26 0.18 -1.75
HB 2TL A 28 5.75 -2.55 -1.04
HG1 2TL A 28 6.87 -3.07 0.65
HG21 2TL A 28 7.36 -2.14 -2.54
HG22 2TL A 28 8.23 -1.04 -1.47
HG23 2TL A 28 6.81 -0.47 -2.36
N GLY A 29 4.00 -0.11 1.70
CA GLY A 29 3.54 -0.18 3.07
C GLY A 29 3.50 -1.60 3.62
N LEU A 30 3.29 -2.58 2.74
CA LEU A 30 3.22 -3.97 3.15
C LEU A 30 4.57 -4.44 3.71
N DPN A 31 5.66 -3.88 3.18
CA DPN A 31 7.00 -4.24 3.63
C DPN A 31 7.22 -3.84 5.09
O DPN A 31 8.17 -4.29 5.73
CB DPN A 31 7.24 -5.74 3.46
CG DPN A 31 7.18 -6.22 2.03
CD1 DPN A 31 8.34 -6.57 1.36
CD2 DPN A 31 5.98 -6.32 1.37
CE1 DPN A 31 8.30 -7.01 0.05
CE2 DPN A 31 5.92 -6.75 0.06
CZ DPN A 31 7.07 -7.10 -0.61
H DPN A 31 5.56 -3.21 2.48
HB2 DPN A 31 8.22 -5.99 3.84
HB3 DPN A 31 6.49 -6.28 4.01
HD1 DPN A 31 9.29 -6.50 1.86
HD2 DPN A 31 5.06 -6.04 1.88
HE1 DPN A 31 9.20 -7.28 -0.47
HE2 DPN A 31 4.96 -6.81 -0.46
HZ DPN A 31 7.03 -7.43 -1.63
N GLY A 32 6.36 -2.97 5.61
CA GLY A 32 6.48 -2.52 6.98
C GLY A 32 6.71 -3.66 7.97
N LEU A 33 6.02 -4.77 7.77
CA LEU A 33 6.16 -5.92 8.67
C LEU A 33 7.28 -6.86 8.22
N TRP A 34 8.10 -6.41 7.28
CA TRP A 34 9.20 -7.20 6.77
C TRP A 34 10.46 -6.35 6.67
N GLY A 35 11.16 -6.20 7.79
CA GLY A 35 12.38 -5.40 7.84
C GLY A 35 13.21 -5.48 6.56
N ASN A 1 8.09 -4.84 10.26
CA ASN A 1 7.40 -3.80 9.51
C ASN A 1 7.83 -2.40 9.97
N LYS A 2 9.12 -2.13 9.91
CA LYS A 2 9.65 -0.82 10.32
C LYS A 2 9.29 0.24 9.29
N GLY A 3 7.99 0.44 9.07
CA GLY A 3 7.53 1.43 8.11
C GLY A 3 7.91 1.06 6.68
N CYS A 4 8.42 -0.16 6.50
CA CYS A 4 8.83 -0.65 5.17
C CYS A 4 9.47 0.45 4.33
N ALA A 5 9.53 0.23 3.02
CA ALA A 5 10.13 1.20 2.10
C ALA A 5 9.29 2.46 1.97
N THR A 6 9.74 3.36 1.08
CA THR A 6 9.06 4.62 0.84
C THR A 6 7.86 4.43 -0.07
N CYS A 7 6.93 3.61 0.37
CA CYS A 7 5.72 3.34 -0.40
C CYS A 7 4.56 2.92 0.50
N SER A 8 4.51 3.51 1.70
CA SER A 8 3.44 3.21 2.65
C SER A 8 2.07 3.33 2.00
N ILE A 9 1.98 4.16 0.97
CA ILE A 9 0.73 4.36 0.25
C ILE A 9 0.24 3.05 -0.38
N GLY A 10 1.16 2.11 -0.56
CA GLY A 10 0.83 0.84 -1.16
C GLY A 10 -0.42 0.21 -0.56
N ALA A 11 -0.33 -0.23 0.68
CA ALA A 11 -1.46 -0.85 1.37
C ALA A 11 -2.57 0.16 1.65
N ALA A 12 -3.16 0.68 0.59
CA ALA A 12 -4.23 1.66 0.71
C ALA A 12 -4.89 1.94 -0.63
N CYS A 13 -5.71 0.99 -1.09
CA CYS A 13 -6.39 1.13 -2.37
C CYS A 13 -7.48 2.18 -2.29
N LEU A 14 -8.13 2.25 -1.14
CA LEU A 14 -9.23 3.18 -0.92
C LEU A 14 -10.48 2.69 -1.67
N VAL A 15 -10.37 1.51 -2.30
CA VAL A 15 -11.49 0.91 -3.03
C VAL A 15 -12.62 0.53 -2.09
N ASP A 16 -12.41 0.73 -0.80
CA ASP A 16 -13.42 0.40 0.20
C ASP A 16 -14.21 1.66 0.58
N GLY A 17 -14.22 2.63 -0.33
CA GLY A 17 -14.93 3.88 -0.11
C GLY A 17 -15.28 4.56 -1.42
N PRO A 18 -14.50 5.58 -1.83
CA PRO A 18 -14.74 6.31 -3.08
C PRO A 18 -14.82 5.37 -4.29
N ILE A 19 -14.23 4.19 -4.17
CA ILE A 19 -14.22 3.18 -5.23
C ILE A 19 -13.07 3.37 -6.23
N PRO A 20 -11.90 3.85 -5.76
CA PRO A 20 -10.74 4.07 -6.63
C PRO A 20 -10.18 2.77 -7.22
N ASP A 21 -10.40 1.67 -6.51
CA ASP A 21 -9.94 0.34 -6.94
C ASP A 21 -8.45 0.14 -6.68
N PHE A 22 -8.14 -0.79 -5.78
CA PHE A 22 -6.75 -1.14 -5.41
C PHE A 22 -5.73 -0.10 -5.85
N GLU A 23 -5.90 1.15 -5.41
CA GLU A 23 -4.97 2.20 -5.78
C GLU A 23 -3.66 2.06 -5.01
N ILE A 24 -2.90 1.02 -5.35
CA ILE A 24 -1.62 0.77 -4.69
C ILE A 24 -0.61 1.87 -5.01
N ALA A 25 -0.21 1.96 -6.27
CA ALA A 25 0.75 2.96 -6.70
C ALA A 25 2.07 2.80 -5.96
N GLY A 26 2.40 1.55 -5.62
CA GLY A 26 3.63 1.28 -4.90
C GLY A 26 3.43 0.35 -3.73
N ALA A 27 3.65 -0.94 -3.97
CA ALA A 27 3.49 -1.95 -2.92
C ALA A 27 4.46 -1.74 -1.75
N 2TL A 28 5.40 -0.80 -1.91
CA 2TL A 28 6.37 -0.49 -0.88
CB 2TL A 28 7.53 -1.51 -0.91
OG1 2TL A 28 7.65 -2.08 -2.20
CG2 2TL A 28 7.38 -2.65 0.07
C 2TL A 28 5.76 -0.40 0.52
O 2TL A 28 6.45 -0.57 1.52
H 2TL A 28 5.42 -0.30 -2.75
HB 2TL A 28 8.46 -1.01 -0.68
HG1 2TL A 28 6.85 -2.57 -2.41
HG21 2TL A 28 6.34 -2.95 0.12
HG22 2TL A 28 7.70 -2.33 1.05
HG23 2TL A 28 7.98 -3.49 -0.25
N GLY A 29 4.45 -0.12 0.57
CA GLY A 29 3.78 0.00 1.85
C GLY A 29 3.46 -1.33 2.49
N LEU A 30 3.44 -2.39 1.69
CA LEU A 30 3.14 -3.72 2.19
C LEU A 30 4.10 -4.10 3.33
N DPN A 31 5.28 -3.50 3.31
CA DPN A 31 6.29 -3.76 4.33
C DPN A 31 5.79 -3.35 5.71
O DPN A 31 6.32 -3.79 6.74
CB DPN A 31 6.66 -5.26 4.35
CG DPN A 31 7.26 -5.76 3.06
CD1 DPN A 31 8.57 -6.21 3.02
CD2 DPN A 31 6.52 -5.79 1.90
CE1 DPN A 31 9.13 -6.66 1.84
CE2 DPN A 31 7.07 -6.24 0.71
CZ DPN A 31 8.37 -6.68 0.69
H DPN A 31 5.49 -2.86 2.59
HB2 DPN A 31 7.38 -5.43 5.14
HB3 DPN A 31 5.77 -5.83 4.55
HD1 DPN A 31 9.16 -6.19 3.92
HD2 DPN A 31 5.49 -5.44 1.91
HE1 DPN A 31 10.16 -7.00 1.83
HE2 DPN A 31 6.47 -6.25 -0.19
HZ DPN A 31 8.81 -7.04 -0.24
N GLY A 32 4.78 -2.48 5.75
CA GLY A 32 4.25 -2.02 7.00
C GLY A 32 3.21 -2.96 7.59
N LEU A 33 2.54 -3.72 6.74
CA LEU A 33 1.51 -4.65 7.17
C LEU A 33 2.06 -6.07 7.40
N TRP A 34 3.37 -6.25 7.20
CA TRP A 34 3.97 -7.57 7.39
C TRP A 34 4.82 -7.62 8.66
N GLY A 35 6.03 -7.06 8.59
CA GLY A 35 6.90 -7.07 9.75
C GLY A 35 8.00 -6.03 9.68
N ASN A 1 8.41 -5.88 10.12
CA ASN A 1 8.34 -4.87 9.06
C ASN A 1 9.65 -4.13 8.92
N LYS A 2 10.30 -4.30 7.78
CA LYS A 2 11.58 -3.63 7.51
C LYS A 2 11.37 -2.21 7.03
N GLY A 3 10.68 -1.40 7.83
CA GLY A 3 10.43 -0.03 7.48
C GLY A 3 9.33 0.11 6.44
N CYS A 4 9.54 -0.49 5.26
CA CYS A 4 8.57 -0.43 4.18
C CYS A 4 8.03 0.99 3.99
N ALA A 5 8.85 1.98 4.31
CA ALA A 5 8.46 3.38 4.18
C ALA A 5 8.73 3.90 2.76
N THR A 6 9.56 3.19 2.02
CA THR A 6 9.91 3.57 0.65
C THR A 6 8.67 3.58 -0.24
N CYS A 7 7.60 2.94 0.21
CA CYS A 7 6.36 2.89 -0.57
C CYS A 7 5.15 2.69 0.34
N SER A 8 5.12 3.42 1.45
CA SER A 8 4.00 3.33 2.38
C SER A 8 2.67 3.45 1.64
N ILE A 9 2.69 4.21 0.55
CA ILE A 9 1.51 4.40 -0.28
C ILE A 9 1.25 3.15 -1.12
N GLY A 10 0.45 2.23 -0.58
CA GLY A 10 0.15 1.01 -1.30
C GLY A 10 -0.79 0.08 -0.55
N ALA A 11 -0.62 0.02 0.77
CA ALA A 11 -1.48 -0.82 1.60
C ALA A 11 -2.81 -0.14 1.90
N ALA A 12 -3.41 0.46 0.88
CA ALA A 12 -4.67 1.15 1.04
C ALA A 12 -5.20 1.58 -0.33
N CYS A 13 -6.07 0.77 -0.91
CA CYS A 13 -6.62 1.08 -2.23
C CYS A 13 -7.52 2.30 -2.18
N LEU A 14 -8.31 2.40 -1.12
CA LEU A 14 -9.25 3.51 -0.96
C LEU A 14 -10.46 3.30 -1.87
N VAL A 15 -10.51 2.13 -2.53
CA VAL A 15 -11.63 1.78 -3.41
C VAL A 15 -12.92 1.63 -2.61
N ASP A 16 -12.81 1.69 -1.29
CA ASP A 16 -13.95 1.58 -0.41
C ASP A 16 -14.45 2.96 0.00
N GLY A 17 -14.20 3.93 -0.86
CA GLY A 17 -14.61 5.30 -0.62
C GLY A 17 -14.53 6.14 -1.89
N PRO A 18 -13.39 6.82 -2.12
CA PRO A 18 -13.20 7.64 -3.32
C PRO A 18 -13.49 6.86 -4.60
N ILE A 19 -13.20 5.55 -4.55
CA ILE A 19 -13.44 4.64 -5.68
C ILE A 19 -12.27 4.60 -6.67
N PRO A 20 -11.01 4.75 -6.21
CA PRO A 20 -9.84 4.71 -7.10
C PRO A 20 -9.55 3.30 -7.60
N ASP A 21 -10.05 2.30 -6.88
CA ASP A 21 -9.85 0.89 -7.24
C ASP A 21 -8.45 0.41 -6.90
N PHE A 22 -8.36 -0.40 -5.84
CA PHE A 22 -7.08 -0.97 -5.38
C PHE A 22 -5.90 -0.06 -5.71
N GLU A 23 -5.97 1.20 -5.28
CA GLU A 23 -4.91 2.15 -5.54
C GLU A 23 -3.57 1.65 -5.00
N ILE A 24 -2.64 1.34 -5.90
CA ILE A 24 -1.32 0.85 -5.51
C ILE A 24 -0.34 2.00 -5.30
N ALA A 25 0.15 2.56 -6.40
CA ALA A 25 1.10 3.67 -6.34
C ALA A 25 2.30 3.33 -5.45
N GLY A 26 2.69 2.06 -5.44
CA GLY A 26 3.82 1.63 -4.63
C GLY A 26 3.45 0.56 -3.62
N ALA A 27 3.67 -0.69 -3.99
CA ALA A 27 3.36 -1.81 -3.11
C ALA A 27 4.28 -1.86 -1.88
N 2TL A 28 5.30 -1.01 -1.87
CA 2TL A 28 6.25 -0.95 -0.77
CB 2TL A 28 7.19 -2.17 -0.79
OG1 2TL A 28 7.21 -2.76 -2.07
CG2 2TL A 28 6.81 -3.25 0.19
C 2TL A 28 5.56 -0.80 0.59
O 2TL A 28 6.18 -1.02 1.63
H 2TL A 28 5.42 -0.40 -2.64
HB 2TL A 28 8.20 -1.85 -0.55
HG1 2TL A 28 6.37 -3.18 -2.25
HG21 2TL A 28 7.25 -3.04 1.16
HG22 2TL A 28 7.16 -4.21 -0.16
HG23 2TL A 28 5.73 -3.29 0.30
N GLY A 29 4.29 -0.41 0.58
CA GLY A 29 3.55 -0.23 1.82
C GLY A 29 3.29 -1.54 2.55
N LEU A 30 3.15 -2.62 1.80
CA LEU A 30 2.89 -3.93 2.40
C LEU A 30 3.94 -4.28 3.45
N DPN A 31 5.12 -3.67 3.33
CA DPN A 31 6.21 -3.93 4.27
C DPN A 31 5.79 -3.56 5.70
O DPN A 31 6.32 -4.10 6.67
CB DPN A 31 6.64 -5.39 4.21
CG DPN A 31 6.85 -5.90 2.82
CD1 DPN A 31 8.06 -5.75 2.18
CD2 DPN A 31 5.82 -6.54 2.14
CE1 DPN A 31 8.25 -6.22 0.90
CE2 DPN A 31 6.00 -7.02 0.86
CZ DPN A 31 7.22 -6.86 0.24
H DPN A 31 5.26 -3.04 2.60
HB2 DPN A 31 7.58 -5.51 4.75
HB3 DPN A 31 5.89 -6.00 4.68
HD1 DPN A 31 8.88 -5.25 2.70
HD2 DPN A 31 4.86 -6.67 2.63
HE1 DPN A 31 9.21 -6.09 0.41
HE2 DPN A 31 5.19 -7.52 0.35
HZ DPN A 31 7.37 -7.23 -0.77
N GLY A 32 4.84 -2.63 5.81
CA GLY A 32 4.37 -2.22 7.12
C GLY A 32 3.22 -3.07 7.64
N LEU A 33 2.55 -3.77 6.73
CA LEU A 33 1.42 -4.62 7.11
C LEU A 33 1.87 -6.06 7.38
N TRP A 34 3.13 -6.23 7.74
CA TRP A 34 3.67 -7.56 8.03
C TRP A 34 4.40 -7.58 9.37
N GLY A 35 5.61 -7.02 9.39
CA GLY A 35 6.39 -6.99 10.61
C GLY A 35 7.88 -7.07 10.35
#